data_2ZFD
#
_entry.id   2ZFD
#
_cell.length_a   34.092
_cell.length_b   45.481
_cell.length_c   92.390
_cell.angle_alpha   90.00
_cell.angle_beta   92.64
_cell.angle_gamma   90.00
#
_symmetry.space_group_name_H-M   'P 1 21 1'
#
loop_
_entity.id
_entity.type
_entity.pdbx_description
1 polymer 'Calcineurin B-like protein 2'
2 polymer 'Putative uncharacterized protein T20L15_90'
3 non-polymer 'CALCIUM ION'
4 non-polymer 'ACETIC ACID'
5 water water
#
loop_
_entity_poly.entity_id
_entity_poly.type
_entity_poly.pdbx_seq_one_letter_code
_entity_poly.pdbx_strand_id
1 'polypeptide(L)'
;MSQCVDGIKHLCTSVLGCFDLDLYKQSGGLGDPELLARDTVFSVSEIEALYELFKKISSAVIDDGLINKEEFQLALFKTN
KKESLFADRVFDLFDTKHNGILGFEEFARALSVFHPNAPIDDKIHFSFQLYDLKQQGFIERQEVKQMVVATLAESGMNLK
DTVIEDIIDKTFEEADTKHDGKIDKEEWRSLVLRHPSLLKNMTLQYLKDITTTFPSFVFHSQVEDT
;
A
2 'polypeptide(L)'
;MGARRMNAFDIISGSPGFNLSGLFGDARKYDRVERFVSAWTAERVVERLEEIVSAENLTVAKKETWGMKIEGQKGNFAMV
VEINQLTDELVMIEVRKRQRAAASGRDLWTDTLRPFFVELVHE
;
B
#
loop_
_chem_comp.id
_chem_comp.type
_chem_comp.name
_chem_comp.formula
ACY non-polymer 'ACETIC ACID' 'C2 H4 O2'
CA non-polymer 'CALCIUM ION' 'Ca 2'
#
# COMPACT_ATOMS: atom_id res chain seq x y z
N ASP A 32 -15.72 1.49 -28.83
CA ASP A 32 -16.85 2.24 -28.22
C ASP A 32 -16.74 2.23 -26.68
N PRO A 33 -16.35 3.37 -26.07
CA PRO A 33 -16.16 3.44 -24.62
C PRO A 33 -17.43 3.48 -23.76
N GLU A 34 -18.60 3.54 -24.39
CA GLU A 34 -19.87 3.66 -23.66
C GLU A 34 -20.21 2.39 -22.89
N LEU A 35 -19.89 1.24 -23.47
CA LEU A 35 -20.13 -0.05 -22.81
C LEU A 35 -19.35 -0.18 -21.49
N LEU A 36 -18.04 0.06 -21.55
CA LEU A 36 -17.21 -0.02 -20.34
C LEU A 36 -17.62 1.04 -19.32
N ALA A 37 -17.97 2.23 -19.81
CA ALA A 37 -18.44 3.29 -18.93
C ALA A 37 -19.71 2.87 -18.20
N ARG A 38 -20.63 2.24 -18.92
CA ARG A 38 -21.86 1.75 -18.31
C ARG A 38 -21.58 0.72 -17.21
N ASP A 39 -20.64 -0.19 -17.46
CA ASP A 39 -20.38 -1.32 -16.57
C ASP A 39 -19.45 -1.01 -15.39
N THR A 40 -18.76 0.13 -15.44
CA THR A 40 -17.83 0.54 -14.39
C THR A 40 -18.32 1.83 -13.76
N VAL A 41 -17.60 2.35 -12.76
CA VAL A 41 -17.93 3.65 -12.18
C VAL A 41 -17.17 4.79 -12.86
N PHE A 42 -16.53 4.50 -14.00
CA PHE A 42 -15.86 5.50 -14.81
C PHE A 42 -16.85 6.15 -15.77
N SER A 43 -16.61 7.41 -16.08
CA SER A 43 -17.28 8.09 -17.18
C SER A 43 -16.62 7.69 -18.50
N VAL A 44 -17.26 8.03 -19.61
CA VAL A 44 -16.68 7.78 -20.93
C VAL A 44 -15.30 8.44 -21.07
N SER A 45 -15.20 9.69 -20.64
CA SER A 45 -13.92 10.41 -20.71
C SER A 45 -12.83 9.72 -19.86
N GLU A 46 -13.21 9.22 -18.69
CA GLU A 46 -12.27 8.49 -17.84
C GLU A 46 -11.82 7.16 -18.49
N ILE A 47 -12.74 6.49 -19.18
CA ILE A 47 -12.37 5.27 -19.93
C ILE A 47 -11.35 5.59 -21.02
N GLU A 48 -11.56 6.70 -21.73
CA GLU A 48 -10.63 7.12 -22.77
C GLU A 48 -9.25 7.44 -22.19
N ALA A 49 -9.22 8.08 -21.01
CA ALA A 49 -7.98 8.38 -20.32
C ALA A 49 -7.30 7.09 -19.88
N LEU A 50 -8.09 6.16 -19.34
CA LEU A 50 -7.56 4.85 -18.94
C LEU A 50 -6.95 4.09 -20.12
N TYR A 51 -7.53 4.25 -21.31
CA TYR A 51 -7.01 3.60 -22.51
C TYR A 51 -5.62 4.10 -22.87
N GLU A 52 -5.37 5.38 -22.64
CA GLU A 52 -4.04 5.94 -22.86
C GLU A 52 -3.01 5.26 -21.95
N LEU A 53 -3.36 5.12 -20.68
CA LEU A 53 -2.50 4.39 -19.74
C LEU A 53 -2.28 2.92 -20.18
N PHE A 54 -3.37 2.27 -20.59
CA PHE A 54 -3.30 0.89 -21.06
C PHE A 54 -2.35 0.74 -22.24
N LYS A 55 -2.43 1.64 -23.21
CA LYS A 55 -1.55 1.56 -24.38
C LYS A 55 -0.07 1.64 -23.99
N LYS A 56 0.24 2.54 -23.06
CA LYS A 56 1.61 2.67 -22.57
C LYS A 56 2.09 1.39 -21.89
N ILE A 57 1.30 0.85 -20.97
CA ILE A 57 1.71 -0.35 -20.23
C ILE A 57 1.85 -1.54 -21.17
N SER A 58 0.89 -1.69 -22.08
CA SER A 58 0.82 -2.87 -22.91
C SER A 58 1.89 -2.96 -23.99
N SER A 59 2.54 -1.85 -24.32
CA SER A 59 3.57 -1.84 -25.37
C SER A 59 4.98 -1.89 -24.80
N ALA A 60 5.11 -2.00 -23.47
CA ALA A 60 6.40 -1.83 -22.83
C ALA A 60 7.40 -2.96 -23.06
N VAL A 61 6.94 -4.19 -23.27
CA VAL A 61 7.86 -5.32 -23.50
C VAL A 61 7.56 -5.99 -24.84
N ILE A 62 6.34 -6.47 -25.03
CA ILE A 62 5.90 -7.08 -26.29
C ILE A 62 4.76 -6.25 -26.84
N ASP A 63 4.89 -5.88 -28.10
CA ASP A 63 3.96 -5.00 -28.79
C ASP A 63 2.81 -5.82 -29.35
N ASP A 64 1.92 -6.26 -28.47
CA ASP A 64 0.83 -7.17 -28.81
C ASP A 64 -0.55 -6.65 -28.42
N GLY A 65 -0.61 -5.39 -27.98
CA GLY A 65 -1.88 -4.75 -27.59
C GLY A 65 -2.46 -5.27 -26.28
N LEU A 66 -1.63 -5.95 -25.49
CA LEU A 66 -2.07 -6.62 -24.27
C LEU A 66 -1.04 -6.42 -23.18
N ILE A 67 -1.47 -6.52 -21.92
CA ILE A 67 -0.57 -6.42 -20.78
C ILE A 67 -0.21 -7.81 -20.23
N ASN A 68 1.06 -8.19 -20.33
CA ASN A 68 1.50 -9.44 -19.69
C ASN A 68 2.02 -9.17 -18.28
N LYS A 69 2.36 -10.23 -17.56
CA LYS A 69 2.77 -10.08 -16.17
C LYS A 69 4.01 -9.19 -16.05
N GLU A 70 5.00 -9.37 -16.92
CA GLU A 70 6.20 -8.56 -16.85
C GLU A 70 5.87 -7.07 -16.99
N GLU A 71 5.01 -6.76 -17.96
CA GLU A 71 4.56 -5.38 -18.15
C GLU A 71 3.81 -4.85 -16.94
N PHE A 72 3.01 -5.69 -16.32
CA PHE A 72 2.29 -5.32 -15.11
C PHE A 72 3.27 -5.00 -13.98
N GLN A 73 4.29 -5.82 -13.79
CA GLN A 73 5.33 -5.55 -12.81
C GLN A 73 6.06 -4.24 -13.11
N LEU A 74 6.39 -4.02 -14.37
CA LEU A 74 7.03 -2.75 -14.72
C LEU A 74 6.13 -1.56 -14.38
N ALA A 75 4.84 -1.69 -14.64
CA ALA A 75 3.88 -0.63 -14.29
C ALA A 75 3.80 -0.41 -12.78
N LEU A 76 3.76 -1.49 -12.02
CA LEU A 76 3.63 -1.39 -10.56
C LEU A 76 4.90 -0.91 -9.87
N PHE A 77 6.05 -1.38 -10.34
CA PHE A 77 7.29 -1.30 -9.57
C PHE A 77 8.44 -0.66 -10.33
N LYS A 78 8.28 -0.45 -11.63
CA LYS A 78 9.32 0.11 -12.49
C LYS A 78 10.52 -0.83 -12.73
N THR A 79 10.34 -2.12 -12.39
CA THR A 79 11.36 -3.13 -12.60
C THR A 79 10.71 -4.49 -12.65
N ASN A 80 11.28 -5.36 -13.46
CA ASN A 80 10.86 -6.76 -13.53
C ASN A 80 11.61 -7.66 -12.53
N LYS A 81 12.46 -7.05 -11.69
CA LYS A 81 13.26 -7.81 -10.72
C LYS A 81 12.57 -7.95 -9.38
N LYS A 82 11.51 -7.18 -9.14
CA LYS A 82 10.74 -7.28 -7.93
C LYS A 82 9.63 -8.31 -8.15
N GLU A 83 9.86 -9.50 -7.62
CA GLU A 83 8.89 -10.58 -7.62
C GLU A 83 8.12 -10.48 -6.33
N SER A 84 6.80 -10.39 -6.43
CA SER A 84 5.94 -10.00 -5.32
C SER A 84 4.67 -10.84 -5.29
N LEU A 85 4.29 -11.33 -4.12
N LEU A 85 4.30 -11.30 -4.10
CA LEU A 85 3.04 -12.07 -4.02
CA LEU A 85 3.01 -11.98 -3.87
C LEU A 85 1.84 -11.13 -4.25
C LEU A 85 1.87 -11.10 -4.29
N PHE A 86 1.98 -9.82 -3.97
CA PHE A 86 0.93 -8.88 -4.27
C PHE A 86 0.71 -8.77 -5.79
N ALA A 87 1.78 -8.60 -6.55
CA ALA A 87 1.69 -8.60 -8.00
C ALA A 87 1.11 -9.91 -8.52
N ASP A 88 1.54 -11.04 -7.97
CA ASP A 88 1.06 -12.34 -8.42
C ASP A 88 -0.45 -12.42 -8.24
N ARG A 89 -0.93 -12.04 -7.06
CA ARG A 89 -2.35 -12.18 -6.74
C ARG A 89 -3.18 -11.20 -7.54
N VAL A 90 -2.74 -9.95 -7.63
CA VAL A 90 -3.51 -8.92 -8.32
C VAL A 90 -3.59 -9.23 -9.82
N PHE A 91 -2.50 -9.65 -10.42
CA PHE A 91 -2.51 -9.99 -11.84
C PHE A 91 -3.51 -11.13 -12.09
N ASP A 92 -3.48 -12.15 -11.25
CA ASP A 92 -4.44 -13.25 -11.33
C ASP A 92 -5.89 -12.75 -11.29
N LEU A 93 -6.19 -11.86 -10.35
CA LEU A 93 -7.55 -11.35 -10.20
C LEU A 93 -7.96 -10.39 -11.31
N PHE A 94 -7.00 -9.68 -11.92
CA PHE A 94 -7.28 -8.88 -13.14
C PHE A 94 -7.60 -9.79 -14.33
N ASP A 95 -6.91 -10.93 -14.39
CA ASP A 95 -6.96 -11.85 -15.51
C ASP A 95 -8.16 -12.79 -15.39
N THR A 96 -9.35 -12.24 -15.52
CA THR A 96 -10.59 -13.01 -15.31
C THR A 96 -10.82 -14.03 -16.43
N LYS A 97 -10.43 -13.69 -17.65
CA LYS A 97 -10.28 -14.68 -18.74
C LYS A 97 -8.85 -15.13 -18.60
N HIS A 98 -8.66 -16.30 -17.98
CA HIS A 98 -7.36 -16.66 -17.40
C HIS A 98 -6.35 -17.20 -18.41
N ASN A 99 -5.98 -16.35 -19.35
CA ASN A 99 -5.00 -16.70 -20.37
C ASN A 99 -3.63 -16.09 -20.07
N GLY A 100 -3.45 -15.52 -18.88
CA GLY A 100 -2.16 -14.98 -18.46
C GLY A 100 -1.78 -13.69 -19.17
N ILE A 101 -2.75 -12.96 -19.69
CA ILE A 101 -2.49 -11.71 -20.37
C ILE A 101 -3.76 -10.84 -20.32
N LEU A 102 -3.61 -9.53 -20.17
CA LEU A 102 -4.75 -8.65 -19.96
C LEU A 102 -5.11 -7.83 -21.18
N GLY A 103 -6.39 -7.86 -21.53
CA GLY A 103 -6.93 -6.93 -22.52
C GLY A 103 -7.46 -5.69 -21.82
N PHE A 104 -7.90 -4.71 -22.61
CA PHE A 104 -8.34 -3.46 -22.04
C PHE A 104 -9.60 -3.61 -21.18
N GLU A 105 -10.54 -4.47 -21.60
CA GLU A 105 -11.75 -4.68 -20.81
C GLU A 105 -11.40 -5.22 -19.42
N GLU A 106 -10.49 -6.19 -19.34
CA GLU A 106 -10.03 -6.70 -18.04
C GLU A 106 -9.38 -5.61 -17.21
N PHE A 107 -8.52 -4.83 -17.84
CA PHE A 107 -7.82 -3.73 -17.17
C PHE A 107 -8.80 -2.70 -16.61
N ALA A 108 -9.77 -2.29 -17.42
CA ALA A 108 -10.72 -1.27 -17.00
C ALA A 108 -11.67 -1.76 -15.90
N ARG A 109 -12.20 -2.97 -16.05
CA ARG A 109 -13.12 -3.51 -15.06
C ARG A 109 -12.43 -3.74 -13.72
N ALA A 110 -11.19 -4.20 -13.76
CA ALA A 110 -10.41 -4.39 -12.53
C ALA A 110 -10.11 -3.05 -11.87
N LEU A 111 -9.65 -2.07 -12.63
CA LEU A 111 -9.34 -0.78 -12.04
C LEU A 111 -10.58 -0.07 -11.50
N SER A 112 -11.75 -0.35 -12.07
CA SER A 112 -12.98 0.23 -11.51
C SER A 112 -13.13 -0.12 -10.02
N VAL A 113 -12.71 -1.33 -9.64
CA VAL A 113 -12.79 -1.77 -8.24
C VAL A 113 -12.03 -0.83 -7.33
N PHE A 114 -10.94 -0.25 -7.84
CA PHE A 114 -10.06 0.63 -7.09
C PHE A 114 -10.51 2.10 -7.11
N HIS A 115 -11.54 2.44 -7.88
CA HIS A 115 -12.00 3.82 -7.91
C HIS A 115 -12.58 4.19 -6.55
N PRO A 116 -12.32 5.42 -6.06
CA PRO A 116 -12.91 5.83 -4.79
C PRO A 116 -14.43 5.62 -4.64
N ASN A 117 -15.17 5.63 -5.75
CA ASN A 117 -16.63 5.46 -5.71
C ASN A 117 -17.12 4.05 -6.00
N ALA A 118 -16.21 3.09 -6.15
CA ALA A 118 -16.61 1.71 -6.38
C ALA A 118 -17.34 1.17 -5.17
N PRO A 119 -18.30 0.27 -5.35
CA PRO A 119 -18.96 -0.35 -4.21
C PRO A 119 -17.95 -0.97 -3.25
N ILE A 120 -18.09 -0.69 -1.95
CA ILE A 120 -17.16 -1.26 -0.97
C ILE A 120 -17.23 -2.78 -1.02
N ASP A 121 -18.39 -3.36 -1.34
CA ASP A 121 -18.49 -4.80 -1.43
C ASP A 121 -17.54 -5.39 -2.47
N ASP A 122 -17.30 -4.66 -3.56
CA ASP A 122 -16.32 -5.09 -4.54
C ASP A 122 -14.89 -5.07 -4.00
N LYS A 123 -14.56 -4.06 -3.21
CA LYS A 123 -13.25 -3.94 -2.59
C LYS A 123 -13.00 -5.05 -1.55
N ILE A 124 -14.03 -5.37 -0.78
CA ILE A 124 -13.96 -6.43 0.22
C ILE A 124 -13.79 -7.81 -0.44
N HIS A 125 -14.57 -8.04 -1.49
CA HIS A 125 -14.47 -9.29 -2.24
C HIS A 125 -13.09 -9.48 -2.89
N PHE A 126 -12.63 -8.46 -3.59
CA PHE A 126 -11.35 -8.54 -4.30
C PHE A 126 -10.21 -8.76 -3.30
N SER A 127 -10.19 -7.98 -2.22
CA SER A 127 -9.12 -8.14 -1.23
C SER A 127 -9.15 -9.51 -0.54
N PHE A 128 -10.34 -10.04 -0.27
CA PHE A 128 -10.45 -11.37 0.31
C PHE A 128 -9.78 -12.38 -0.62
N GLN A 129 -10.14 -12.34 -1.90
CA GLN A 129 -9.59 -13.29 -2.87
C GLN A 129 -8.10 -13.08 -3.05
N LEU A 130 -7.63 -11.86 -2.92
CA LEU A 130 -6.20 -11.54 -3.03
C LEU A 130 -5.44 -12.25 -1.90
N TYR A 131 -5.87 -12.03 -0.67
CA TYR A 131 -5.17 -12.52 0.52
C TYR A 131 -5.32 -14.01 0.75
N ASP A 132 -6.31 -14.66 0.12
CA ASP A 132 -6.43 -16.11 0.08
C ASP A 132 -5.39 -16.64 -0.89
N LEU A 133 -4.14 -16.65 -0.45
CA LEU A 133 -3.01 -16.85 -1.37
C LEU A 133 -3.07 -18.17 -2.10
N LYS A 134 -3.49 -19.22 -1.41
CA LYS A 134 -3.49 -20.56 -2.01
C LYS A 134 -4.72 -20.80 -2.87
N GLN A 135 -5.66 -19.87 -2.84
CA GLN A 135 -6.83 -19.88 -3.72
C GLN A 135 -7.73 -21.08 -3.46
N GLN A 136 -7.77 -21.55 -2.22
CA GLN A 136 -8.63 -22.67 -1.83
C GLN A 136 -9.55 -22.32 -0.66
N GLY A 137 -9.82 -21.04 -0.49
CA GLY A 137 -10.74 -20.59 0.54
C GLY A 137 -10.03 -20.17 1.81
N PHE A 138 -10.67 -19.23 2.52
CA PHE A 138 -10.21 -18.67 3.79
C PHE A 138 -8.91 -17.91 3.67
N ILE A 139 -8.73 -16.95 4.56
CA ILE A 139 -7.41 -16.38 4.80
C ILE A 139 -6.89 -17.12 6.03
N GLU A 140 -5.91 -17.98 5.81
CA GLU A 140 -5.39 -18.86 6.83
C GLU A 140 -4.16 -18.28 7.49
N ARG A 141 -3.85 -18.78 8.68
CA ARG A 141 -2.72 -18.28 9.45
C ARG A 141 -1.42 -18.32 8.62
N GLN A 142 -1.20 -19.41 7.89
CA GLN A 142 0.02 -19.56 7.12
C GLN A 142 0.11 -18.51 6.01
N GLU A 143 -1.03 -18.18 5.43
CA GLU A 143 -1.10 -17.15 4.39
C GLU A 143 -0.81 -15.77 4.99
N VAL A 144 -1.41 -15.48 6.13
CA VAL A 144 -1.13 -14.23 6.84
C VAL A 144 0.36 -14.15 7.21
N LYS A 145 0.92 -15.22 7.73
CA LYS A 145 2.33 -15.19 8.13
C LYS A 145 3.24 -14.98 6.94
N GLN A 146 2.97 -15.66 5.83
CA GLN A 146 3.78 -15.48 4.63
C GLN A 146 3.75 -14.01 4.20
N MET A 147 2.57 -13.40 4.23
CA MET A 147 2.45 -12.00 3.85
C MET A 147 3.10 -11.03 4.85
N VAL A 148 3.00 -11.28 6.15
CA VAL A 148 3.66 -10.45 7.15
C VAL A 148 5.18 -10.51 6.97
N VAL A 149 5.71 -11.72 6.81
CA VAL A 149 7.15 -11.88 6.58
C VAL A 149 7.58 -11.13 5.31
N ALA A 150 6.83 -11.27 4.23
CA ALA A 150 7.18 -10.61 2.97
C ALA A 150 7.11 -9.09 3.07
N THR A 151 6.05 -8.57 3.70
CA THR A 151 5.86 -7.13 3.76
C THR A 151 6.85 -6.47 4.72
N LEU A 152 7.15 -7.10 5.84
CA LEU A 152 8.21 -6.59 6.71
C LEU A 152 9.54 -6.55 5.97
N ALA A 153 9.81 -7.53 5.12
CA ALA A 153 11.03 -7.54 4.32
C ALA A 153 11.06 -6.41 3.31
N GLU A 154 9.91 -5.98 2.79
CA GLU A 154 9.90 -4.79 1.90
C GLU A 154 10.48 -3.58 2.60
N SER A 155 10.24 -3.46 3.89
CA SER A 155 10.76 -2.35 4.68
C SER A 155 12.09 -2.63 5.37
N GLY A 156 12.66 -3.82 5.19
CA GLY A 156 13.90 -4.14 5.89
C GLY A 156 13.71 -4.13 7.41
N MET A 157 12.54 -4.59 7.88
CA MET A 157 12.23 -4.65 9.31
C MET A 157 11.87 -6.09 9.66
N ASN A 158 12.86 -6.98 9.61
CA ASN A 158 12.59 -8.42 9.65
C ASN A 158 12.51 -8.88 11.09
N LEU A 159 11.33 -8.69 11.67
CA LEU A 159 11.10 -8.92 13.10
C LEU A 159 11.19 -10.40 13.40
N LYS A 160 11.55 -10.69 14.64
CA LYS A 160 11.70 -12.05 15.11
C LYS A 160 10.39 -12.82 15.06
N ASP A 161 10.52 -14.12 14.96
CA ASP A 161 9.36 -14.98 14.83
C ASP A 161 8.39 -14.85 15.99
N THR A 162 8.89 -14.65 17.21
CA THR A 162 8.02 -14.51 18.36
C THR A 162 7.16 -13.24 18.27
N VAL A 163 7.71 -12.18 17.70
CA VAL A 163 6.99 -10.93 17.55
C VAL A 163 5.92 -11.09 16.46
N ILE A 164 6.29 -11.68 15.33
CA ILE A 164 5.33 -11.93 14.26
C ILE A 164 4.16 -12.79 14.77
N GLU A 165 4.48 -13.82 15.54
CA GLU A 165 3.44 -14.68 16.10
C GLU A 165 2.51 -13.92 17.05
N ASP A 166 3.06 -13.00 17.85
CA ASP A 166 2.26 -12.16 18.74
C ASP A 166 1.27 -11.30 17.95
N ILE A 167 1.78 -10.67 16.90
CA ILE A 167 0.96 -9.83 16.06
C ILE A 167 -0.15 -10.64 15.40
N ILE A 168 0.19 -11.82 14.90
CA ILE A 168 -0.80 -12.67 14.26
C ILE A 168 -1.81 -13.21 15.30
N ASP A 169 -1.34 -13.58 16.49
CA ASP A 169 -2.26 -13.96 17.57
C ASP A 169 -3.31 -12.90 17.83
N LYS A 170 -2.87 -11.66 17.96
CA LYS A 170 -3.79 -10.56 18.27
C LYS A 170 -4.77 -10.34 17.13
N THR A 171 -4.30 -10.54 15.91
CA THR A 171 -5.14 -10.41 14.72
C THR A 171 -6.27 -11.44 14.73
N PHE A 172 -5.93 -12.70 15.00
CA PHE A 172 -6.94 -13.75 15.12
C PHE A 172 -7.83 -13.59 16.34
N GLU A 173 -7.29 -13.10 17.45
CA GLU A 173 -8.11 -12.85 18.64
C GLU A 173 -9.30 -11.99 18.27
N GLU A 174 -9.04 -10.96 17.47
CA GLU A 174 -10.08 -10.06 17.04
C GLU A 174 -10.94 -10.61 15.90
N ALA A 175 -10.31 -11.18 14.89
CA ALA A 175 -11.03 -11.51 13.65
C ALA A 175 -11.80 -12.81 13.69
N ASP A 176 -11.34 -13.78 14.46
CA ASP A 176 -11.85 -15.16 14.38
C ASP A 176 -13.05 -15.38 15.29
N THR A 177 -14.18 -14.75 14.96
CA THR A 177 -15.38 -14.83 15.78
C THR A 177 -16.15 -16.13 15.57
N LYS A 178 -16.02 -16.74 14.39
CA LYS A 178 -16.46 -18.12 14.17
C LYS A 178 -15.19 -18.95 14.36
N HIS A 179 -15.06 -19.52 15.55
CA HIS A 179 -13.76 -19.92 16.08
C HIS A 179 -13.28 -21.23 15.46
N ASP A 180 -12.53 -21.10 14.37
CA ASP A 180 -11.95 -22.23 13.67
C ASP A 180 -10.49 -22.00 13.29
N GLY A 181 -9.90 -20.90 13.76
CA GLY A 181 -8.53 -20.62 13.46
C GLY A 181 -8.23 -20.09 12.08
N LYS A 182 -9.26 -19.76 11.30
CA LYS A 182 -9.15 -19.27 9.92
C LYS A 182 -10.04 -18.04 9.80
N ILE A 183 -9.74 -17.17 8.84
CA ILE A 183 -10.57 -15.99 8.58
C ILE A 183 -11.44 -16.23 7.34
N ASP A 184 -12.73 -16.28 7.53
CA ASP A 184 -13.68 -16.46 6.43
C ASP A 184 -14.14 -15.11 5.88
N LYS A 185 -14.93 -15.13 4.82
CA LYS A 185 -15.29 -13.88 4.14
C LYS A 185 -16.12 -12.97 5.02
N GLU A 186 -16.98 -13.52 5.87
CA GLU A 186 -17.76 -12.69 6.78
C GLU A 186 -16.86 -12.04 7.84
N GLU A 187 -15.90 -12.80 8.36
CA GLU A 187 -14.93 -12.27 9.33
C GLU A 187 -14.03 -11.21 8.72
N TRP A 188 -13.63 -11.43 7.47
CA TRP A 188 -12.83 -10.44 6.75
C TRP A 188 -13.62 -9.14 6.59
N ARG A 189 -14.87 -9.26 6.14
CA ARG A 189 -15.75 -8.11 6.02
C ARG A 189 -15.84 -7.35 7.34
N SER A 190 -16.06 -8.06 8.44
CA SER A 190 -16.19 -7.37 9.71
C SER A 190 -14.92 -6.61 10.06
N LEU A 191 -13.76 -7.23 9.87
CA LEU A 191 -12.50 -6.60 10.26
C LEU A 191 -12.24 -5.33 9.47
N VAL A 192 -12.47 -5.39 8.16
CA VAL A 192 -12.21 -4.21 7.33
C VAL A 192 -13.30 -3.15 7.46
N LEU A 193 -14.53 -3.53 7.79
CA LEU A 193 -15.54 -2.53 8.12
C LEU A 193 -15.14 -1.80 9.41
N ARG A 194 -14.61 -2.54 10.37
CA ARG A 194 -14.22 -1.99 11.67
C ARG A 194 -13.02 -1.07 11.56
N HIS A 195 -12.09 -1.42 10.68
CA HIS A 195 -10.82 -0.70 10.51
C HIS A 195 -10.65 -0.35 9.05
N PRO A 196 -11.33 0.73 8.59
CA PRO A 196 -11.35 1.04 7.16
C PRO A 196 -9.99 1.31 6.53
N SER A 197 -8.99 1.67 7.31
CA SER A 197 -7.66 1.88 6.73
C SER A 197 -7.09 0.59 6.16
N LEU A 198 -7.60 -0.57 6.58
CA LEU A 198 -7.16 -1.85 6.03
C LEU A 198 -7.48 -1.99 4.55
N LEU A 199 -8.39 -1.17 4.03
CA LEU A 199 -8.74 -1.18 2.61
C LEU A 199 -8.08 -0.05 1.84
N LYS A 200 -7.09 0.65 2.40
CA LYS A 200 -6.54 1.80 1.69
C LYS A 200 -5.89 1.40 0.39
N ASN A 201 -5.34 0.19 0.31
CA ASN A 201 -4.70 -0.26 -0.92
C ASN A 201 -5.71 -0.74 -1.97
N MET A 202 -7.00 -0.72 -1.61
CA MET A 202 -8.08 -1.06 -2.53
C MET A 202 -8.72 0.19 -3.15
N THR A 203 -8.12 1.35 -2.90
CA THR A 203 -8.54 2.58 -3.55
C THR A 203 -7.33 3.34 -4.07
N LEU A 204 -7.44 3.78 -5.33
CA LEU A 204 -6.46 4.66 -5.97
C LEU A 204 -7.09 6.04 -6.15
N GLN A 205 -6.74 7.00 -5.30
CA GLN A 205 -7.29 8.35 -5.42
C GLN A 205 -6.92 8.97 -6.77
N TYR A 206 -5.79 8.54 -7.34
CA TYR A 206 -5.32 9.01 -8.65
C TYR A 206 -6.33 8.81 -9.75
N LEU A 207 -7.19 7.81 -9.62
CA LEU A 207 -8.21 7.55 -10.63
C LEU A 207 -9.20 8.70 -10.74
N LYS A 208 -9.36 9.49 -9.67
CA LYS A 208 -10.21 10.69 -9.70
C LYS A 208 -9.70 11.76 -10.65
N ASP A 209 -8.38 11.83 -10.84
CA ASP A 209 -7.73 12.84 -11.68
C ASP A 209 -7.14 12.23 -12.95
N ILE A 210 -7.64 11.06 -13.34
CA ILE A 210 -7.09 10.35 -14.50
C ILE A 210 -7.18 11.13 -15.82
N THR A 211 -8.25 11.90 -15.99
CA THR A 211 -8.46 12.64 -17.26
C THR A 211 -7.46 13.77 -17.47
N THR A 212 -6.89 14.29 -16.39
CA THR A 212 -5.89 15.36 -16.49
C THR A 212 -4.48 14.77 -16.62
N THR A 213 -4.22 13.69 -15.88
CA THR A 213 -2.93 12.99 -15.96
C THR A 213 -2.72 12.31 -17.31
N PHE A 214 -3.81 11.79 -17.90
CA PHE A 214 -3.75 11.11 -19.19
C PHE A 214 -4.67 11.82 -20.16
N ARG B 4 -5.15 0.44 21.65
CA ARG B 4 -5.14 -0.23 20.31
C ARG B 4 -3.73 -0.65 19.90
N ARG B 5 -3.67 -1.80 19.24
CA ARG B 5 -2.44 -2.31 18.63
C ARG B 5 -2.79 -2.61 17.19
N MET B 6 -1.92 -2.23 16.25
CA MET B 6 -2.20 -2.50 14.84
C MET B 6 -2.09 -3.98 14.63
N ASN B 7 -2.68 -4.48 13.55
CA ASN B 7 -2.77 -5.91 13.35
C ASN B 7 -1.99 -6.33 12.11
N ALA B 8 -1.95 -7.62 11.84
CA ALA B 8 -1.17 -8.14 10.71
C ALA B 8 -1.57 -7.46 9.40
N PHE B 9 -2.85 -7.18 9.23
CA PHE B 9 -3.32 -6.58 7.98
C PHE B 9 -2.96 -5.12 7.83
N ASP B 10 -2.71 -4.40 8.92
CA ASP B 10 -2.10 -3.07 8.80
C ASP B 10 -0.72 -3.18 8.18
N ILE B 11 0.06 -4.15 8.64
CA ILE B 11 1.39 -4.36 8.09
C ILE B 11 1.28 -4.70 6.61
N ILE B 12 0.41 -5.64 6.27
CA ILE B 12 0.34 -6.13 4.90
C ILE B 12 -0.19 -5.06 3.95
N SER B 13 -1.34 -4.48 4.30
CA SER B 13 -2.04 -3.59 3.37
C SER B 13 -1.34 -2.24 3.17
N GLY B 14 -0.53 -1.84 4.14
CA GLY B 14 0.20 -0.59 4.08
C GLY B 14 1.64 -0.71 3.61
N SER B 15 2.07 -1.90 3.21
CA SER B 15 3.45 -2.13 2.79
C SER B 15 3.71 -1.35 1.50
N PRO B 16 4.95 -0.83 1.33
CA PRO B 16 5.20 0.06 0.19
C PRO B 16 4.95 -0.55 -1.18
N GLY B 17 5.08 -1.88 -1.32
CA GLY B 17 4.82 -2.56 -2.56
C GLY B 17 3.45 -3.23 -2.70
N PHE B 18 2.56 -3.04 -1.73
CA PHE B 18 1.27 -3.74 -1.74
C PHE B 18 0.14 -2.79 -2.14
N ASN B 19 0.38 -2.01 -3.18
CA ASN B 19 -0.66 -1.14 -3.75
C ASN B 19 -0.32 -0.89 -5.21
N LEU B 20 -1.27 -0.25 -5.91
CA LEU B 20 -1.16 0.00 -7.36
C LEU B 20 -0.73 1.43 -7.69
N SER B 21 -0.22 2.16 -6.70
CA SER B 21 0.11 3.56 -6.93
C SER B 21 1.20 3.75 -8.00
N GLY B 22 2.07 2.77 -8.21
CA GLY B 22 3.10 2.86 -9.22
C GLY B 22 2.58 3.10 -10.63
N LEU B 23 1.35 2.67 -10.90
CA LEU B 23 0.74 2.92 -12.21
C LEU B 23 0.72 4.37 -12.60
N PHE B 24 0.69 5.26 -11.60
CA PHE B 24 0.54 6.69 -11.85
C PHE B 24 1.85 7.48 -11.72
N GLY B 25 2.96 6.77 -11.51
CA GLY B 25 4.29 7.38 -11.60
C GLY B 25 4.45 8.66 -10.80
N ASP B 26 4.79 9.74 -11.52
CA ASP B 26 5.11 11.05 -10.93
C ASP B 26 3.93 11.76 -10.26
N ALA B 27 2.71 11.30 -10.52
CA ALA B 27 1.52 11.87 -9.88
C ALA B 27 1.52 11.65 -8.36
N ARG B 28 2.29 10.67 -7.90
CA ARG B 28 2.40 10.41 -6.46
C ARG B 28 3.08 11.60 -5.78
N LYS B 29 2.51 12.08 -4.70
CA LYS B 29 3.06 13.25 -3.99
C LYS B 29 4.32 12.85 -3.23
N TYR B 30 4.26 11.73 -2.51
CA TYR B 30 5.38 11.31 -1.66
C TYR B 30 6.03 10.06 -2.22
N ASP B 31 7.30 9.90 -1.89
CA ASP B 31 7.99 8.66 -2.12
C ASP B 31 7.32 7.53 -1.34
N ARG B 32 7.59 6.29 -1.73
CA ARG B 32 6.99 5.14 -1.05
C ARG B 32 7.33 5.18 0.43
N VAL B 33 6.38 4.77 1.25
CA VAL B 33 6.53 4.81 2.70
C VAL B 33 7.76 4.06 3.17
N GLU B 34 8.49 4.69 4.08
CA GLU B 34 9.61 4.05 4.78
C GLU B 34 9.18 3.77 6.21
N ARG B 35 9.23 2.50 6.59
CA ARG B 35 8.78 2.04 7.88
C ARG B 35 9.95 1.69 8.77
N PHE B 36 9.82 2.06 10.03
CA PHE B 36 10.83 1.84 11.06
C PHE B 36 10.14 1.30 12.30
N VAL B 37 10.54 0.14 12.76
CA VAL B 37 9.96 -0.48 13.95
C VAL B 37 10.89 -0.20 15.12
N SER B 38 10.34 0.31 16.22
CA SER B 38 11.14 0.84 17.31
C SER B 38 10.54 0.53 18.67
N ALA B 39 11.40 0.39 19.68
CA ALA B 39 10.96 0.29 21.06
C ALA B 39 10.87 1.66 21.75
N TRP B 40 11.17 2.74 21.04
CA TRP B 40 10.90 4.07 21.57
C TRP B 40 9.40 4.27 21.72
N THR B 41 9.03 5.16 22.63
CA THR B 41 7.65 5.63 22.70
C THR B 41 7.41 6.72 21.64
N ALA B 42 6.15 6.89 21.24
CA ALA B 42 5.79 7.95 20.30
C ALA B 42 6.17 9.32 20.84
N GLU B 43 5.96 9.54 22.14
CA GLU B 43 6.27 10.82 22.77
C GLU B 43 7.76 11.15 22.64
N ARG B 44 8.62 10.15 22.83
CA ARG B 44 10.05 10.36 22.73
C ARG B 44 10.50 10.60 21.30
N VAL B 45 9.90 9.91 20.35
CA VAL B 45 10.20 10.16 18.94
C VAL B 45 9.86 11.62 18.57
N VAL B 46 8.68 12.07 18.97
CA VAL B 46 8.27 13.46 18.72
C VAL B 46 9.22 14.45 19.39
N GLU B 47 9.58 14.19 20.65
CA GLU B 47 10.50 15.07 21.35
C GLU B 47 11.82 15.24 20.60
N ARG B 48 12.38 14.13 20.15
CA ARG B 48 13.63 14.18 19.42
C ARG B 48 13.47 14.87 18.07
N LEU B 49 12.37 14.60 17.37
CA LEU B 49 12.10 15.32 16.13
C LEU B 49 12.02 16.83 16.34
N GLU B 50 11.41 17.26 17.41
CA GLU B 50 11.35 18.68 17.70
C GLU B 50 12.74 19.25 17.96
N GLU B 51 13.61 18.50 18.63
CA GLU B 51 14.99 18.97 18.80
C GLU B 51 15.69 19.16 17.45
N ILE B 52 15.48 18.20 16.55
CA ILE B 52 16.06 18.28 15.21
C ILE B 52 15.49 19.47 14.41
N VAL B 53 14.20 19.68 14.51
CA VAL B 53 13.56 20.84 13.88
C VAL B 53 14.20 22.16 14.32
N SER B 54 14.48 22.28 15.62
CA SER B 54 15.10 23.47 16.17
C SER B 54 16.56 23.62 15.74
N ALA B 55 17.29 22.52 15.64
CA ALA B 55 18.71 22.57 15.30
C ALA B 55 18.96 22.71 13.81
N GLU B 56 18.05 22.20 12.98
CA GLU B 56 18.30 22.07 11.53
C GLU B 56 17.41 22.97 10.68
N ASN B 57 16.81 23.99 11.29
CA ASN B 57 16.11 25.03 10.55
C ASN B 57 14.91 24.46 9.77
N LEU B 58 14.12 23.63 10.44
CA LEU B 58 12.92 23.04 9.84
C LEU B 58 11.65 23.68 10.45
N THR B 59 10.51 23.19 9.99
CA THR B 59 9.21 23.73 10.36
C THR B 59 8.26 22.58 10.65
N VAL B 60 7.47 22.73 11.71
CA VAL B 60 6.42 21.76 12.00
C VAL B 60 5.10 22.26 11.43
N ALA B 61 4.69 21.71 10.30
CA ALA B 61 3.43 22.10 9.67
C ALA B 61 2.22 21.57 10.45
N LYS B 62 2.33 20.33 10.94
CA LYS B 62 1.25 19.68 11.69
C LYS B 62 1.84 18.88 12.84
N LYS B 63 1.15 18.93 13.99
CA LYS B 63 1.48 18.11 15.14
C LYS B 63 0.16 17.67 15.73
N GLU B 64 -0.13 16.38 15.62
CA GLU B 64 -1.43 15.83 15.93
C GLU B 64 -1.27 14.51 16.65
N THR B 65 -2.38 13.92 17.08
CA THR B 65 -2.31 12.64 17.77
C THR B 65 -1.67 11.55 16.91
N TRP B 66 -1.84 11.62 15.60
CA TRP B 66 -1.30 10.59 14.69
C TRP B 66 0.18 10.72 14.38
N GLY B 67 0.78 11.89 14.64
CA GLY B 67 2.16 12.15 14.23
C GLY B 67 2.37 13.60 13.84
N MET B 68 3.34 13.84 12.96
CA MET B 68 3.75 15.19 12.59
C MET B 68 3.94 15.30 11.07
N LYS B 69 3.82 16.53 10.57
CA LYS B 69 4.29 16.86 9.23
C LYS B 69 5.36 17.93 9.38
N ILE B 70 6.52 17.65 8.81
CA ILE B 70 7.69 18.52 8.95
C ILE B 70 8.10 18.99 7.56
N GLU B 71 8.41 20.28 7.45
CA GLU B 71 8.76 20.92 6.18
C GLU B 71 10.11 21.61 6.30
N GLY B 72 10.80 21.76 5.18
CA GLY B 72 11.98 22.59 5.18
C GLY B 72 12.32 23.11 3.80
N GLN B 73 13.35 23.95 3.77
CA GLN B 73 13.99 24.37 2.53
C GLN B 73 13.02 25.01 1.53
N LYS B 74 12.21 25.97 2.01
CA LYS B 74 11.35 26.77 1.13
C LYS B 74 10.52 25.98 0.12
N GLY B 75 9.91 24.90 0.60
CA GLY B 75 9.06 24.06 -0.24
C GLY B 75 9.75 22.86 -0.84
N ASN B 76 11.07 22.74 -0.65
CA ASN B 76 11.84 21.65 -1.26
C ASN B 76 11.62 20.31 -0.58
N PHE B 77 11.40 20.32 0.74
CA PHE B 77 11.33 19.09 1.51
C PHE B 77 10.09 19.05 2.39
N ALA B 78 9.43 17.90 2.42
CA ALA B 78 8.39 17.67 3.42
C ALA B 78 8.34 16.20 3.75
N MET B 79 7.95 15.89 4.98
CA MET B 79 7.69 14.51 5.36
C MET B 79 6.52 14.43 6.32
N VAL B 80 5.73 13.38 6.18
CA VAL B 80 4.67 13.05 7.08
C VAL B 80 5.12 11.83 7.88
N VAL B 81 5.07 11.95 9.20
CA VAL B 81 5.51 10.93 10.12
C VAL B 81 4.32 10.47 10.94
N GLU B 82 3.92 9.21 10.76
CA GLU B 82 2.79 8.63 11.48
C GLU B 82 3.34 7.57 12.42
N ILE B 83 2.89 7.54 13.66
CA ILE B 83 3.39 6.59 14.64
C ILE B 83 2.20 5.85 15.23
N ASN B 84 2.25 4.53 15.17
CA ASN B 84 1.21 3.69 15.74
C ASN B 84 1.81 2.58 16.56
N GLN B 85 1.11 2.17 17.60
CA GLN B 85 1.57 1.08 18.44
C GLN B 85 1.40 -0.22 17.68
N LEU B 86 2.45 -1.01 17.61
CA LEU B 86 2.48 -2.27 16.89
C LEU B 86 2.28 -3.46 17.83
N THR B 87 3.09 -3.51 18.89
CA THR B 87 2.92 -4.46 19.99
C THR B 87 3.03 -3.68 21.29
N ASP B 88 2.89 -4.35 22.43
CA ASP B 88 3.14 -3.71 23.71
C ASP B 88 4.54 -3.07 23.82
N GLU B 89 5.50 -3.63 23.10
CA GLU B 89 6.90 -3.21 23.17
C GLU B 89 7.32 -2.28 22.04
N LEU B 90 6.61 -2.31 20.90
CA LEU B 90 7.11 -1.70 19.66
C LEU B 90 6.09 -0.76 19.03
N VAL B 91 6.59 0.32 18.47
CA VAL B 91 5.82 1.17 17.56
C VAL B 91 6.25 0.95 16.11
N MET B 92 5.34 1.26 15.19
CA MET B 92 5.60 1.35 13.75
C MET B 92 5.60 2.83 13.40
N ILE B 93 6.73 3.30 12.89
CA ILE B 93 6.88 4.67 12.42
C ILE B 93 6.86 4.64 10.91
N GLU B 94 5.93 5.36 10.31
CA GLU B 94 5.76 5.42 8.86
C GLU B 94 6.10 6.79 8.37
N VAL B 95 7.08 6.89 7.49
CA VAL B 95 7.58 8.17 7.00
C VAL B 95 7.39 8.24 5.50
N ARG B 96 6.62 9.22 5.05
CA ARG B 96 6.43 9.51 3.63
CA ARG B 96 6.45 9.51 3.64
C ARG B 96 7.07 10.86 3.37
N LYS B 97 8.05 10.92 2.49
CA LYS B 97 8.76 12.17 2.25
C LYS B 97 8.80 12.52 0.78
N ARG B 98 8.97 13.80 0.53
CA ARG B 98 9.21 14.29 -0.83
C ARG B 98 10.32 15.30 -0.79
N GLN B 99 11.14 15.28 -1.83
CA GLN B 99 12.26 16.19 -1.96
C GLN B 99 12.33 16.59 -3.43
N ARG B 100 12.22 17.88 -3.70
CA ARG B 100 12.17 18.37 -5.07
C ARG B 100 13.54 18.24 -5.75
N ALA B 101 14.58 18.70 -5.06
CA ALA B 101 15.95 18.62 -5.58
C ALA B 101 16.47 17.19 -5.51
N ALA B 102 17.42 16.87 -6.37
CA ALA B 102 18.02 15.54 -6.42
C ALA B 102 18.72 15.19 -5.11
N ARG B 106 25.40 13.94 3.49
CA ARG B 106 25.28 15.04 2.57
C ARG B 106 24.03 15.87 2.88
N ASP B 107 22.94 15.65 2.13
CA ASP B 107 21.73 16.48 2.30
C ASP B 107 20.96 16.16 3.58
N LEU B 108 19.94 16.96 3.86
CA LEU B 108 19.15 16.88 5.09
C LEU B 108 18.60 15.48 5.35
N TRP B 109 17.92 14.94 4.34
CA TRP B 109 17.32 13.62 4.47
C TRP B 109 18.39 12.54 4.65
N THR B 110 19.40 12.56 3.78
CA THR B 110 20.41 11.51 3.78
C THR B 110 21.28 11.50 5.03
N ASP B 111 21.70 12.69 5.46
CA ASP B 111 22.72 12.79 6.50
C ASP B 111 22.15 12.96 7.89
N THR B 112 20.94 13.51 8.01
CA THR B 112 20.37 13.85 9.31
C THR B 112 19.05 13.14 9.61
N LEU B 113 18.03 13.33 8.77
CA LEU B 113 16.70 12.82 9.12
C LEU B 113 16.61 11.30 8.99
N ARG B 114 17.03 10.73 7.86
CA ARG B 114 16.90 9.28 7.73
C ARG B 114 17.77 8.54 8.77
N PRO B 115 19.03 8.95 8.97
CA PRO B 115 19.80 8.32 10.04
C PRO B 115 19.16 8.38 11.43
N PHE B 116 18.43 9.46 11.73
CA PHE B 116 17.70 9.52 12.98
C PHE B 116 16.67 8.39 13.05
N PHE B 117 15.88 8.20 12.00
CA PHE B 117 14.91 7.10 12.01
C PHE B 117 15.58 5.73 12.13
N VAL B 118 16.69 5.56 11.42
CA VAL B 118 17.45 4.30 11.50
C VAL B 118 17.93 4.03 12.92
N GLU B 119 18.40 5.06 13.61
CA GLU B 119 18.91 4.86 14.96
C GLU B 119 17.81 4.45 15.96
N LEU B 120 16.56 4.74 15.63
CA LEU B 120 15.42 4.32 16.45
C LEU B 120 15.16 2.82 16.40
N VAL B 121 15.67 2.15 15.37
CA VAL B 121 15.18 0.82 15.08
C VAL B 121 15.61 -0.16 16.14
N HIS B 122 14.66 -0.96 16.61
CA HIS B 122 14.91 -1.98 17.63
C HIS B 122 13.59 -2.56 18.09
CA CA C . 2.30 -6.31 -24.25
CA CA D . -6.91 -12.32 -19.85
CA CA E . -13.03 -18.13 11.66
CA CA F . -6.66 -19.86 1.87
CA CA G . 11.02 -11.07 -13.14
CA CA H . -6.40 -17.97 -10.15
C ACY I . -19.33 -15.12 12.52
O ACY I . -20.39 -15.77 12.40
OXT ACY I . -18.85 -14.87 13.63
CH3 ACY I . -18.65 -14.62 11.29
C ACY J . 14.75 6.75 24.48
O ACY J . 13.68 7.19 24.94
OXT ACY J . 15.81 7.42 24.45
CH3 ACY J . 14.77 5.35 23.95
#